data_3THB
#
_entry.id   3THB
#
_cell.length_a   67.668
_cell.length_b   67.668
_cell.length_c   154.684
_cell.angle_alpha   90.00
_cell.angle_beta   90.00
_cell.angle_gamma   120.00
#
_symmetry.space_group_name_H-M   'P 32 2 1'
#
loop_
_entity.id
_entity.type
_entity.pdbx_description
1 polymer 'Serine/threonine-protein kinase PLK1'
2 non-polymer 'ZINC ION'
3 non-polymer '9-chloro-2-({5-[3-(dimethylamino)propyl]-2-methylpyridin-3-yl}amino)-5,7-dihydro-6H-pyrimido[5,4-d][1]benzazepine-6-thi one'
#
_entity_poly.entity_id   1
_entity_poly.type   'polypeptide(L)'
_entity_poly.pdbx_seq_one_letter_code
;APADPGKAGVPGVAAPGAPAAAPPAKEIPEVLVDPRSRRRYVRGRFLGKGGFAKCFEISDADTKEVFAGKIVPKSLLLKP
HQREKMSMEISIHRSLAHQHVVGFHGFFEDNDFVFVVLELCRRRSLLELHKRRKALTEPEARYYLRQIVLGCQYLHRNRV
IHRDLKLGNLFLNEDLEVKIGDFGLATKVEYDGERKKVLCGTPNYIAPEVLSKKGHSFEVDVWSIGCIMYTLLVGKPPFE
TSCLKETYLRIKKNEYSIPKHINPVAASLIQKMLQTDPTARPTINELLNDEFFTSGYIPARLPITCLTIPPRFSIAPSSL
DPSNRKPLTVLNK
;
_entity_poly.pdbx_strand_id   A
#
# COMPACT_ATOMS: atom_id res chain seq x y z
N GLU A 30 -17.20 -14.49 -18.18
CA GLU A 30 -16.29 -14.13 -19.31
C GLU A 30 -16.47 -12.67 -19.70
N VAL A 31 -17.71 -12.28 -19.96
CA VAL A 31 -18.05 -10.88 -20.18
C VAL A 31 -18.64 -10.33 -18.89
N LEU A 32 -18.50 -9.03 -18.68
CA LEU A 32 -18.96 -8.37 -17.46
C LEU A 32 -19.68 -7.07 -17.83
N VAL A 33 -20.95 -6.97 -17.46
CA VAL A 33 -21.80 -5.88 -17.94
C VAL A 33 -22.30 -4.97 -16.82
N ASP A 34 -22.18 -3.66 -17.03
CA ASP A 34 -22.83 -2.67 -16.19
C ASP A 34 -24.19 -2.29 -16.80
N PRO A 35 -25.29 -2.41 -16.03
CA PRO A 35 -26.55 -1.91 -16.60
C PRO A 35 -26.60 -0.37 -16.69
N ARG A 36 -26.35 0.31 -15.57
CA ARG A 36 -26.46 1.78 -15.45
C ARG A 36 -25.54 2.61 -16.37
N SER A 37 -24.40 2.04 -16.77
CA SER A 37 -23.46 2.74 -17.65
C SER A 37 -23.40 2.14 -19.06
N ARG A 38 -24.15 1.05 -19.27
CA ARG A 38 -24.18 0.27 -20.53
C ARG A 38 -22.78 -0.17 -21.03
N ARG A 39 -21.85 -0.33 -20.08
CA ARG A 39 -20.46 -0.72 -20.42
C ARG A 39 -20.25 -2.20 -20.15
N ARG A 40 -19.54 -2.87 -21.06
CA ARG A 40 -19.27 -4.31 -20.96
C ARG A 40 -17.76 -4.55 -21.05
N TYR A 41 -17.24 -5.41 -20.17
CA TYR A 41 -15.80 -5.71 -20.12
C TYR A 41 -15.49 -7.19 -20.30
N VAL A 42 -14.56 -7.49 -21.21
CA VAL A 42 -14.03 -8.84 -21.31
C VAL A 42 -13.10 -9.12 -20.11
N ARG A 43 -13.13 -10.35 -19.62
CA ARG A 43 -12.25 -10.77 -18.54
C ARG A 43 -10.98 -11.36 -19.11
N GLY A 44 -9.85 -10.75 -18.76
CA GLY A 44 -8.53 -11.17 -19.24
C GLY A 44 -7.76 -12.04 -18.26
N ARG A 45 -6.45 -11.83 -18.18
CA ARG A 45 -5.58 -12.67 -17.34
C ARG A 45 -5.74 -12.40 -15.85
N PHE A 46 -5.55 -13.46 -15.07
CA PHE A 46 -5.60 -13.40 -13.62
C PHE A 46 -4.33 -12.76 -13.07
N LEU A 47 -4.51 -11.80 -12.16
CA LEU A 47 -3.41 -11.05 -11.57
C LEU A 47 -3.07 -11.54 -10.16
N GLY A 48 -4.11 -11.73 -9.35
CA GLY A 48 -3.93 -12.22 -7.99
C GLY A 48 -5.19 -12.16 -7.16
N LYS A 49 -5.07 -12.61 -5.91
CA LYS A 49 -6.17 -12.64 -4.97
C LYS A 49 -5.78 -12.03 -3.62
N GLY A 50 -6.74 -11.34 -3.01
CA GLY A 50 -6.55 -10.72 -1.71
C GLY A 50 -7.91 -10.59 -1.03
N GLY A 51 -8.01 -11.15 0.17
CA GLY A 51 -9.30 -11.26 0.85
C GLY A 51 -10.23 -12.11 0.00
N PHE A 52 -11.43 -11.61 -0.21
CA PHE A 52 -12.46 -12.36 -0.92
C PHE A 52 -12.40 -12.13 -2.41
N ALA A 53 -11.45 -11.29 -2.85
CA ALA A 53 -11.39 -10.81 -4.23
C ALA A 53 -10.42 -11.60 -5.10
N LYS A 54 -10.86 -11.85 -6.32
CA LYS A 54 -10.01 -12.36 -7.38
C LYS A 54 -9.92 -11.20 -8.34
N CYS A 55 -8.70 -10.86 -8.74
CA CYS A 55 -8.47 -9.66 -9.55
C CYS A 55 -7.94 -10.01 -10.94
N PHE A 56 -8.61 -9.46 -11.95
CA PHE A 56 -8.26 -9.73 -13.36
C PHE A 56 -7.99 -8.44 -14.14
N GLU A 57 -7.13 -8.53 -15.15
CA GLU A 57 -6.99 -7.51 -16.19
C GLU A 57 -8.29 -7.50 -16.99
N ILE A 58 -8.91 -6.33 -17.12
CA ILE A 58 -10.13 -6.21 -17.94
C ILE A 58 -10.11 -5.08 -18.97
N SER A 59 -10.90 -5.23 -20.02
CA SER A 59 -11.00 -4.21 -21.07
C SER A 59 -12.44 -3.96 -21.53
N ASP A 60 -12.75 -2.66 -21.64
CA ASP A 60 -14.02 -2.15 -22.16
C ASP A 60 -14.21 -2.58 -23.61
N ALA A 61 -15.38 -3.18 -23.89
CA ALA A 61 -15.67 -3.76 -25.19
C ALA A 61 -15.81 -2.72 -26.33
N ASP A 62 -16.08 -1.47 -25.97
CA ASP A 62 -16.24 -0.37 -26.94
C ASP A 62 -14.94 0.45 -27.14
N THR A 63 -14.37 0.98 -26.05
CA THR A 63 -13.17 1.82 -26.14
C THR A 63 -11.84 1.05 -26.17
N LYS A 64 -11.89 -0.25 -25.87
CA LYS A 64 -10.70 -1.12 -25.78
C LYS A 64 -9.71 -0.67 -24.68
N GLU A 65 -10.14 0.33 -23.90
CA GLU A 65 -9.40 0.86 -22.77
C GLU A 65 -9.25 -0.22 -21.69
N VAL A 66 -8.10 -0.24 -21.03
CA VAL A 66 -7.70 -1.35 -20.14
C VAL A 66 -7.71 -1.03 -18.63
N PHE A 67 -8.40 -1.89 -17.87
CA PHE A 67 -8.59 -1.70 -16.42
C PHE A 67 -8.25 -2.93 -15.55
N ALA A 68 -8.17 -2.67 -14.24
CA ALA A 68 -8.03 -3.72 -13.22
C ALA A 68 -9.37 -4.01 -12.56
N GLY A 69 -9.79 -5.28 -12.64
CA GLY A 69 -11.11 -5.70 -12.14
C GLY A 69 -11.17 -6.66 -10.95
N LYS A 70 -11.47 -6.12 -9.77
CA LYS A 70 -11.68 -6.96 -8.59
C LYS A 70 -13.07 -7.55 -8.64
N ILE A 71 -13.14 -8.88 -8.56
CA ILE A 71 -14.38 -9.65 -8.64
C ILE A 71 -14.64 -10.41 -7.34
N VAL A 72 -15.64 -9.95 -6.58
CA VAL A 72 -15.95 -10.54 -5.27
C VAL A 72 -17.25 -11.35 -5.33
N PRO A 73 -17.19 -12.65 -4.98
CA PRO A 73 -18.41 -13.47 -4.97
C PRO A 73 -19.36 -13.14 -3.80
N LYS A 74 -20.63 -12.94 -4.13
CA LYS A 74 -21.71 -12.73 -3.14
C LYS A 74 -21.93 -13.92 -2.21
N SER A 75 -21.65 -15.12 -2.70
CA SER A 75 -21.56 -16.32 -1.87
C SER A 75 -20.73 -16.11 -0.60
N LEU A 76 -19.85 -15.11 -0.63
CA LEU A 76 -18.95 -14.84 0.50
C LEU A 76 -19.38 -13.60 1.29
N LEU A 77 -20.47 -12.97 0.83
CA LEU A 77 -21.08 -11.81 1.49
C LEU A 77 -22.50 -12.12 1.95
N LEU A 78 -22.69 -13.35 2.48
CA LEU A 78 -23.95 -13.77 3.10
C LEU A 78 -24.19 -12.95 4.36
N LYS A 79 -23.14 -12.67 5.10
CA LYS A 79 -23.31 -12.01 6.39
C LYS A 79 -23.15 -10.51 6.23
N PRO A 80 -24.04 -9.72 6.85
CA PRO A 80 -23.94 -8.27 7.02
C PRO A 80 -22.54 -7.68 7.34
N HIS A 81 -21.82 -8.20 8.35
CA HIS A 81 -20.45 -7.73 8.68
C HIS A 81 -19.58 -7.77 7.43
N GLN A 82 -19.58 -8.91 6.73
CA GLN A 82 -18.80 -9.05 5.51
C GLN A 82 -19.25 -8.07 4.46
N ARG A 83 -20.56 -7.96 4.27
CA ARG A 83 -21.08 -7.05 3.24
C ARG A 83 -20.71 -5.59 3.50
N GLU A 84 -20.74 -5.16 4.76
CA GLU A 84 -20.41 -3.77 5.13
C GLU A 84 -18.96 -3.35 4.83
N LYS A 85 -18.02 -4.27 5.02
CA LYS A 85 -16.59 -4.02 4.73
C LYS A 85 -16.40 -3.77 3.24
N MET A 86 -16.99 -4.64 2.43
CA MET A 86 -16.94 -4.48 0.98
C MET A 86 -17.52 -3.12 0.63
N SER A 87 -18.60 -2.76 1.30
CA SER A 87 -19.29 -1.51 1.05
C SER A 87 -18.49 -0.31 1.53
N MET A 88 -17.77 -0.46 2.64
CA MET A 88 -16.90 0.58 3.16
C MET A 88 -15.72 0.75 2.21
N GLU A 89 -15.19 -0.36 1.69
CA GLU A 89 -13.99 -0.29 0.84
C GLU A 89 -14.27 0.62 -0.35
N ILE A 90 -15.40 0.37 -0.99
CA ILE A 90 -15.80 1.13 -2.14
C ILE A 90 -16.05 2.59 -1.76
N SER A 91 -16.76 2.83 -0.67
CA SER A 91 -17.01 4.20 -0.21
C SER A 91 -15.73 5.02 -0.08
N ILE A 92 -14.70 4.41 0.50
CA ILE A 92 -13.43 5.07 0.77
C ILE A 92 -12.67 5.26 -0.54
N HIS A 93 -12.47 4.15 -1.26
CA HIS A 93 -11.75 4.19 -2.54
C HIS A 93 -12.28 5.20 -3.54
N ARG A 94 -13.59 5.20 -3.74
CA ARG A 94 -14.27 6.09 -4.67
C ARG A 94 -14.11 7.56 -4.28
N SER A 95 -13.82 7.82 -3.00
CA SER A 95 -13.65 9.21 -2.52
C SER A 95 -12.25 9.78 -2.80
N LEU A 96 -11.45 9.05 -3.60
CA LEU A 96 -10.02 9.30 -3.74
C LEU A 96 -9.55 9.60 -5.15
N ALA A 97 -8.87 10.73 -5.32
CA ALA A 97 -8.24 11.08 -6.58
C ALA A 97 -6.88 11.74 -6.32
N HIS A 98 -5.80 11.01 -6.60
CA HIS A 98 -4.44 11.50 -6.41
C HIS A 98 -3.46 10.74 -7.30
N GLN A 99 -2.35 11.39 -7.62
CA GLN A 99 -1.29 10.85 -8.47
C GLN A 99 -0.76 9.50 -7.94
N HIS A 100 -0.75 9.32 -6.63
CA HIS A 100 -0.14 8.12 -6.09
C HIS A 100 -1.14 7.16 -5.40
N VAL A 101 -2.40 7.23 -5.81
CA VAL A 101 -3.46 6.33 -5.32
C VAL A 101 -4.14 5.67 -6.52
N VAL A 102 -4.26 4.34 -6.51
CA VAL A 102 -4.85 3.64 -7.65
C VAL A 102 -6.22 4.25 -8.02
N GLY A 103 -6.31 4.77 -9.24
CA GLY A 103 -7.51 5.45 -9.69
C GLY A 103 -8.77 4.61 -9.66
N PHE A 104 -9.82 5.14 -9.01
CA PHE A 104 -11.11 4.45 -8.91
C PHE A 104 -11.95 4.80 -10.14
N HIS A 105 -12.49 3.78 -10.83
CA HIS A 105 -13.27 4.05 -12.05
C HIS A 105 -14.76 3.68 -12.06
N GLY A 106 -15.20 2.84 -11.14
CA GLY A 106 -16.61 2.46 -11.04
C GLY A 106 -16.86 1.09 -10.46
N PHE A 107 -18.14 0.82 -10.17
CA PHE A 107 -18.58 -0.47 -9.61
C PHE A 107 -19.97 -0.84 -10.09
N PHE A 108 -20.25 -2.14 -10.12
CA PHE A 108 -21.57 -2.66 -10.45
C PHE A 108 -21.70 -4.09 -9.95
N GLU A 109 -22.90 -4.66 -10.06
CA GLU A 109 -23.17 -6.00 -9.54
C GLU A 109 -24.27 -6.75 -10.29
N ASP A 110 -24.24 -8.07 -10.17
CA ASP A 110 -25.33 -8.95 -10.56
C ASP A 110 -25.76 -9.72 -9.32
N ASN A 111 -26.44 -10.86 -9.49
CA ASN A 111 -26.88 -11.62 -8.32
C ASN A 111 -25.79 -12.47 -7.65
N ASP A 112 -24.70 -12.70 -8.36
CA ASP A 112 -23.68 -13.63 -7.88
C ASP A 112 -22.36 -12.97 -7.44
N PHE A 113 -22.08 -11.78 -8.00
CA PHE A 113 -20.77 -11.15 -7.88
C PHE A 113 -20.81 -9.62 -7.75
N VAL A 114 -19.83 -9.09 -7.02
CA VAL A 114 -19.53 -7.65 -7.02
C VAL A 114 -18.34 -7.40 -7.96
N PHE A 115 -18.42 -6.30 -8.71
CA PHE A 115 -17.40 -5.89 -9.68
C PHE A 115 -16.94 -4.44 -9.44
N VAL A 116 -15.65 -4.27 -9.16
CA VAL A 116 -15.05 -2.95 -8.94
C VAL A 116 -14.00 -2.74 -10.01
N VAL A 117 -14.00 -1.56 -10.63
CA VAL A 117 -13.13 -1.26 -11.77
C VAL A 117 -12.09 -0.22 -11.39
N LEU A 118 -10.83 -0.62 -11.43
CA LEU A 118 -9.75 0.26 -11.00
C LEU A 118 -8.67 0.44 -12.05
N GLU A 119 -7.78 1.41 -11.79
CA GLU A 119 -6.64 1.67 -12.66
C GLU A 119 -5.78 0.43 -12.78
N LEU A 120 -5.39 0.06 -13.99
CA LEU A 120 -4.46 -1.05 -14.11
C LEU A 120 -3.01 -0.54 -14.04
N CYS A 121 -2.26 -1.11 -13.11
CA CYS A 121 -0.86 -0.73 -12.92
C CYS A 121 0.06 -1.75 -13.58
N ARG A 122 0.53 -1.39 -14.78
CA ARG A 122 1.07 -2.37 -15.71
C ARG A 122 2.39 -2.95 -15.24
N ARG A 123 3.05 -2.21 -14.36
CA ARG A 123 4.35 -2.62 -13.89
C ARG A 123 4.31 -3.21 -12.49
N ARG A 124 3.13 -3.76 -12.14
CA ARG A 124 2.89 -4.59 -10.94
C ARG A 124 3.12 -3.83 -9.60
N SER A 125 3.81 -4.44 -8.65
CA SER A 125 3.97 -3.85 -7.33
C SER A 125 5.39 -3.90 -6.84
N LEU A 126 5.68 -3.08 -5.84
CA LEU A 126 6.96 -3.12 -5.15
C LEU A 126 7.29 -4.55 -4.72
N LEU A 127 6.29 -5.39 -4.50
CA LEU A 127 6.61 -6.69 -3.99
C LEU A 127 7.35 -7.55 -5.01
N GLU A 128 6.96 -7.44 -6.27
CA GLU A 128 7.61 -8.23 -7.30
C GLU A 128 9.01 -7.72 -7.54
N LEU A 129 9.12 -6.39 -7.52
CA LEU A 129 10.40 -5.69 -7.63
C LEU A 129 11.36 -6.17 -6.55
N HIS A 130 10.90 -6.16 -5.30
CA HIS A 130 11.70 -6.60 -4.18
C HIS A 130 12.16 -8.06 -4.30
N LYS A 131 11.33 -8.95 -4.86
CA LYS A 131 11.75 -10.35 -4.94
C LYS A 131 12.79 -10.60 -6.04
N ARG A 132 12.84 -9.71 -7.01
CA ARG A 132 13.81 -9.77 -8.14
C ARG A 132 15.13 -9.10 -7.81
N ARG A 133 15.08 -8.01 -7.05
CA ARG A 133 16.21 -7.10 -6.84
C ARG A 133 16.74 -7.08 -5.42
N LYS A 134 16.00 -7.67 -4.48
CA LYS A 134 16.27 -7.53 -3.04
C LYS A 134 16.55 -6.06 -2.64
N ALA A 135 17.59 -5.79 -1.86
CA ALA A 135 17.81 -4.43 -1.37
C ALA A 135 18.05 -3.51 -2.54
N LEU A 136 17.38 -2.36 -2.54
CA LEU A 136 17.56 -1.37 -3.59
C LEU A 136 18.68 -0.42 -3.21
N THR A 137 19.12 0.39 -4.17
CA THR A 137 20.03 1.53 -3.92
C THR A 137 19.29 2.69 -3.20
N GLU A 138 20.02 3.39 -2.32
CA GLU A 138 19.45 4.58 -1.67
C GLU A 138 18.59 5.48 -2.57
N PRO A 139 19.09 5.89 -3.76
CA PRO A 139 18.24 6.82 -4.52
C PRO A 139 16.99 6.19 -5.13
N GLU A 140 17.01 4.90 -5.39
CA GLU A 140 15.76 4.23 -5.75
C GLU A 140 14.76 4.25 -4.57
N ALA A 141 15.26 3.87 -3.40
CA ALA A 141 14.45 3.93 -2.18
C ALA A 141 13.88 5.35 -1.96
N ARG A 142 14.71 6.38 -2.05
CA ARG A 142 14.24 7.78 -1.94
C ARG A 142 13.11 8.08 -2.90
N TYR A 143 13.29 7.69 -4.16
CA TYR A 143 12.27 7.90 -5.16
C TYR A 143 10.93 7.31 -4.72
N TYR A 144 10.90 6.00 -4.51
CA TYR A 144 9.66 5.29 -4.20
C TYR A 144 9.11 5.81 -2.91
N LEU A 145 9.92 5.77 -1.86
CA LEU A 145 9.53 6.35 -0.60
C LEU A 145 8.90 7.73 -0.74
N ARG A 146 9.49 8.63 -1.51
CA ARG A 146 8.87 9.95 -1.64
C ARG A 146 7.41 9.84 -2.09
N GLN A 147 7.16 8.99 -3.10
CA GLN A 147 5.84 8.88 -3.71
C GLN A 147 4.81 8.27 -2.73
N ILE A 148 5.27 7.22 -2.06
CA ILE A 148 4.50 6.59 -1.01
C ILE A 148 4.11 7.63 0.06
N VAL A 149 5.04 8.46 0.50
CA VAL A 149 4.72 9.42 1.52
C VAL A 149 3.79 10.49 0.97
N LEU A 150 3.88 10.77 -0.33
CA LEU A 150 2.95 11.73 -0.96
C LEU A 150 1.52 11.20 -1.06
N GLY A 151 1.40 9.90 -1.34
CA GLY A 151 0.09 9.25 -1.41
C GLY A 151 -0.53 9.25 -0.03
N CYS A 152 0.29 8.97 0.96
CA CYS A 152 -0.16 8.82 2.32
C CYS A 152 -0.51 10.17 2.95
N GLN A 153 0.26 11.20 2.65
CA GLN A 153 -0.06 12.58 3.05
C GLN A 153 -1.47 12.99 2.61
N TYR A 154 -1.87 12.51 1.44
CA TYR A 154 -3.16 12.82 0.84
C TYR A 154 -4.25 12.13 1.64
N LEU A 155 -4.04 10.86 1.92
CA LEU A 155 -4.96 10.08 2.74
C LEU A 155 -5.15 10.74 4.08
N HIS A 156 -4.05 10.97 4.79
CA HIS A 156 -4.14 11.51 6.13
C HIS A 156 -4.83 12.89 6.24
N ARG A 157 -4.47 13.81 5.34
CA ARG A 157 -5.21 15.06 5.19
C ARG A 157 -6.72 14.84 4.86
N ASN A 158 -7.07 13.68 4.30
CA ASN A 158 -8.48 13.37 4.06
C ASN A 158 -9.08 12.45 5.11
N ARG A 159 -8.41 12.40 6.27
CA ARG A 159 -8.90 11.67 7.44
C ARG A 159 -9.05 10.14 7.20
N VAL A 160 -8.22 9.60 6.32
CA VAL A 160 -8.26 8.17 5.94
C VAL A 160 -7.01 7.43 6.38
N ILE A 161 -7.14 6.31 7.08
CA ILE A 161 -5.97 5.50 7.40
C ILE A 161 -5.98 4.21 6.59
N HIS A 162 -4.92 3.93 5.84
CA HIS A 162 -4.86 2.72 5.01
C HIS A 162 -4.82 1.51 5.91
N ARG A 163 -3.93 1.52 6.90
CA ARG A 163 -3.82 0.43 7.87
C ARG A 163 -3.18 -0.86 7.36
N ASP A 164 -2.98 -0.95 6.05
CA ASP A 164 -2.30 -2.13 5.53
C ASP A 164 -1.20 -1.88 4.50
N LEU A 165 -0.55 -0.70 4.53
CA LEU A 165 0.53 -0.44 3.54
C LEU A 165 1.64 -1.51 3.59
N LYS A 166 1.92 -2.12 2.44
CA LYS A 166 3.00 -3.12 2.29
C LYS A 166 3.51 -3.14 0.84
N LEU A 167 4.60 -3.85 0.59
CA LEU A 167 5.14 -3.90 -0.79
C LEU A 167 4.14 -4.41 -1.82
N GLY A 168 3.31 -5.38 -1.45
CA GLY A 168 2.27 -5.87 -2.36
C GLY A 168 1.15 -4.89 -2.66
N ASN A 169 1.11 -3.76 -1.99
CA ASN A 169 -0.02 -2.81 -2.06
C ASN A 169 0.35 -1.65 -2.92
N LEU A 170 1.65 -1.49 -3.05
CA LEU A 170 2.22 -0.34 -3.66
C LEU A 170 2.50 -0.69 -5.11
N PHE A 171 1.68 -0.13 -5.98
CA PHE A 171 1.64 -0.53 -7.37
C PHE A 171 2.45 0.42 -8.27
N LEU A 172 2.84 -0.08 -9.44
CA LEU A 172 3.67 0.68 -10.35
C LEU A 172 3.05 0.79 -11.75
N ASN A 173 2.83 2.03 -12.20
CA ASN A 173 2.41 2.27 -13.57
C ASN A 173 3.60 2.16 -14.52
N GLU A 174 3.35 2.41 -15.81
CA GLU A 174 4.37 2.27 -16.82
C GLU A 174 5.60 3.16 -16.58
N ASP A 175 5.40 4.38 -16.07
CA ASP A 175 6.51 5.31 -15.72
C ASP A 175 7.14 5.03 -14.35
N LEU A 176 6.93 3.81 -13.86
CA LEU A 176 7.28 3.42 -12.50
C LEU A 176 6.87 4.46 -11.42
N GLU A 177 5.69 5.05 -11.59
CA GLU A 177 5.07 5.85 -10.53
C GLU A 177 4.27 4.96 -9.58
N VAL A 178 4.26 5.35 -8.31
CA VAL A 178 3.67 4.53 -7.26
C VAL A 178 2.20 4.86 -7.05
N LYS A 179 1.39 3.79 -6.98
CA LYS A 179 -0.06 3.88 -6.70
C LYS A 179 -0.41 3.00 -5.49
N ILE A 180 -0.84 3.65 -4.43
CA ILE A 180 -1.34 2.93 -3.26
C ILE A 180 -2.67 2.28 -3.64
N GLY A 181 -2.84 0.99 -3.31
CA GLY A 181 -4.10 0.27 -3.57
C GLY A 181 -4.59 -0.60 -2.43
N ASP A 182 -5.60 -1.42 -2.70
CA ASP A 182 -6.17 -2.34 -1.70
C ASP A 182 -6.64 -1.62 -0.41
N PHE A 183 -7.76 -0.93 -0.50
CA PHE A 183 -8.28 -0.17 0.65
C PHE A 183 -9.16 -0.99 1.59
N GLY A 184 -9.11 -2.31 1.44
CA GLY A 184 -9.95 -3.17 2.23
C GLY A 184 -9.71 -3.22 3.74
N LEU A 185 -8.64 -2.61 4.26
CA LEU A 185 -8.56 -2.44 5.73
C LEU A 185 -8.61 -0.96 6.14
N ALA A 186 -8.95 -0.10 5.20
CA ALA A 186 -8.90 1.34 5.45
C ALA A 186 -10.10 1.75 6.23
N THR A 187 -9.93 2.79 7.03
CA THR A 187 -11.00 3.32 7.85
C THR A 187 -10.99 4.81 7.66
N LYS A 188 -12.14 5.44 7.81
CA LYS A 188 -12.25 6.90 7.75
C LYS A 188 -12.29 7.42 9.19
N VAL A 189 -11.45 8.39 9.53
CA VAL A 189 -11.62 9.09 10.82
C VAL A 189 -12.81 10.08 10.75
N GLU A 190 -13.69 10.01 11.75
CA GLU A 190 -14.94 10.74 11.76
C GLU A 190 -14.93 12.00 12.65
N TYR A 191 -14.02 12.02 13.63
CA TYR A 191 -13.90 13.15 14.56
C TYR A 191 -12.49 13.29 15.16
N ASP A 192 -12.19 14.50 15.61
CA ASP A 192 -10.87 14.90 16.07
C ASP A 192 -10.40 14.12 17.30
N GLY A 193 -9.18 13.58 17.20
CA GLY A 193 -8.57 12.82 18.29
C GLY A 193 -9.15 11.42 18.48
N GLU A 194 -9.95 10.96 17.51
CA GLU A 194 -10.56 9.62 17.56
C GLU A 194 -9.53 8.51 17.69
N ARG A 195 -9.88 7.49 18.47
CA ARG A 195 -8.99 6.37 18.67
C ARG A 195 -9.74 5.10 18.29
N LYS A 196 -9.46 4.54 17.12
CA LYS A 196 -10.13 3.30 16.70
C LYS A 196 -9.76 2.15 17.62
N LYS A 197 -10.76 1.38 18.03
CA LYS A 197 -10.60 0.37 19.08
C LYS A 197 -10.30 -1.06 18.54
N VAL A 198 -10.70 -1.35 17.25
CA VAL A 198 -10.44 -2.69 16.72
C VAL A 198 -10.02 -2.64 15.25
N LEU A 199 -9.39 -3.60 14.77
CA LEU A 199 -9.06 -3.64 13.37
C LEU A 199 -9.43 -4.99 12.85
N CYS A 200 -10.40 -4.99 11.95
CA CYS A 200 -10.89 -6.27 11.51
C CYS A 200 -10.16 -6.78 10.29
N GLY A 201 -9.24 -7.71 10.55
CA GLY A 201 -8.37 -8.28 9.56
C GLY A 201 -6.95 -8.11 10.05
N THR A 202 -5.99 -8.70 9.35
CA THR A 202 -4.62 -8.67 9.85
C THR A 202 -3.62 -8.03 8.89
N PRO A 203 -3.21 -6.78 9.17
CA PRO A 203 -2.21 -6.10 8.33
C PRO A 203 -0.89 -6.83 8.33
N ASN A 204 -0.11 -6.59 7.29
CA ASN A 204 1.23 -7.18 7.16
C ASN A 204 2.27 -6.51 8.09
N TYR A 205 2.48 -5.20 7.90
CA TYR A 205 3.35 -4.39 8.76
C TYR A 205 2.50 -3.76 9.84
N ILE A 206 2.10 -4.63 10.77
CA ILE A 206 1.16 -4.33 11.85
C ILE A 206 1.78 -3.59 13.07
N ALA A 207 1.26 -2.39 13.32
CA ALA A 207 1.72 -1.51 14.41
C ALA A 207 1.57 -2.13 15.79
N PRO A 208 2.59 -1.96 16.67
CA PRO A 208 2.57 -2.53 18.02
C PRO A 208 1.34 -2.17 18.84
N GLU A 209 0.77 -0.98 18.61
CA GLU A 209 -0.40 -0.54 19.34
C GLU A 209 -1.69 -1.26 18.89
N VAL A 210 -1.70 -1.77 17.67
CA VAL A 210 -2.77 -2.66 17.24
C VAL A 210 -2.64 -3.99 17.98
N LEU A 211 -1.40 -4.48 18.10
CA LEU A 211 -1.17 -5.76 18.74
C LEU A 211 -1.56 -5.70 20.21
N SER A 212 -1.27 -4.58 20.86
CA SER A 212 -1.55 -4.45 22.29
C SER A 212 -2.98 -4.00 22.53
N LYS A 213 -3.76 -3.91 21.45
CA LYS A 213 -5.17 -3.50 21.50
C LYS A 213 -5.35 -2.21 22.30
N LYS A 214 -4.32 -1.36 22.25
CA LYS A 214 -4.27 -0.09 22.96
C LYS A 214 -5.01 1.06 22.24
N GLY A 215 -5.65 0.76 21.12
CA GLY A 215 -6.30 1.80 20.31
C GLY A 215 -5.30 2.45 19.36
N HIS A 216 -5.81 2.96 18.25
CA HIS A 216 -4.93 3.44 17.17
C HIS A 216 -5.53 4.49 16.24
N SER A 217 -4.65 5.26 15.63
CA SER A 217 -4.98 6.27 14.61
C SER A 217 -3.91 6.31 13.50
N PHE A 218 -3.59 7.52 13.03
CA PHE A 218 -2.78 7.67 11.82
C PHE A 218 -1.39 7.05 11.89
N GLU A 219 -0.80 7.07 13.08
CA GLU A 219 0.60 6.64 13.26
C GLU A 219 0.85 5.19 12.81
N VAL A 220 -0.21 4.47 12.47
CA VAL A 220 -0.06 3.10 12.01
C VAL A 220 0.47 3.10 10.58
N ASP A 221 0.15 4.13 9.82
CA ASP A 221 0.63 4.17 8.46
C ASP A 221 2.11 4.53 8.39
N VAL A 222 2.50 5.53 9.18
CA VAL A 222 3.91 5.89 9.36
C VAL A 222 4.68 4.67 9.88
N TRP A 223 4.12 3.96 10.85
CA TRP A 223 4.72 2.68 11.26
C TRP A 223 5.05 1.82 10.02
N SER A 224 4.05 1.60 9.15
CA SER A 224 4.25 0.67 8.03
C SER A 224 5.34 1.18 7.11
N ILE A 225 5.31 2.48 6.86
CA ILE A 225 6.30 3.05 5.98
C ILE A 225 7.73 2.76 6.50
N GLY A 226 7.95 2.95 7.81
CA GLY A 226 9.21 2.54 8.46
C GLY A 226 9.65 1.16 8.03
N CYS A 227 8.77 0.18 8.18
CA CYS A 227 9.03 -1.21 7.80
C CYS A 227 9.30 -1.34 6.33
N ILE A 228 8.61 -0.54 5.52
CA ILE A 228 8.84 -0.58 4.10
C ILE A 228 10.19 0.04 3.76
N MET A 229 10.54 1.14 4.41
CA MET A 229 11.82 1.77 4.13
C MET A 229 12.92 0.74 4.43
N TYR A 230 12.88 0.21 5.66
CA TYR A 230 13.77 -0.85 6.12
C TYR A 230 13.85 -1.95 5.09
N THR A 231 12.71 -2.49 4.72
CA THR A 231 12.66 -3.57 3.74
C THR A 231 13.29 -3.22 2.37
N LEU A 232 13.09 -1.99 1.91
CA LEU A 232 13.66 -1.62 0.62
C LEU A 232 15.18 -1.43 0.73
N LEU A 233 15.60 -0.83 1.85
CA LEU A 233 17.02 -0.59 2.07
C LEU A 233 17.77 -1.87 2.45
N VAL A 234 17.11 -2.80 3.11
CA VAL A 234 17.85 -3.90 3.69
C VAL A 234 17.74 -5.20 2.89
N GLY A 235 16.60 -5.40 2.22
CA GLY A 235 16.37 -6.62 1.45
C GLY A 235 15.56 -7.70 2.20
N LYS A 236 15.10 -7.37 3.40
CA LYS A 236 14.24 -8.26 4.20
C LYS A 236 13.46 -7.43 5.23
N PRO A 237 12.27 -7.91 5.64
CA PRO A 237 11.43 -7.15 6.57
C PRO A 237 12.07 -7.03 7.94
N PRO A 238 11.78 -5.93 8.66
CA PRO A 238 12.39 -5.64 9.95
C PRO A 238 12.29 -6.80 10.92
N PHE A 239 11.08 -7.28 11.17
CA PHE A 239 10.81 -8.23 12.24
C PHE A 239 10.54 -9.67 11.83
N GLU A 240 11.22 -10.19 10.81
CA GLU A 240 10.84 -11.48 10.28
C GLU A 240 11.29 -12.63 11.18
N THR A 241 10.38 -13.59 11.40
CA THR A 241 10.74 -14.89 11.99
C THR A 241 9.96 -16.00 11.28
N SER A 242 10.16 -17.22 11.72
CA SER A 242 9.39 -18.33 11.19
C SER A 242 7.98 -18.40 11.82
N CYS A 243 7.80 -17.89 13.05
CA CYS A 243 6.45 -17.80 13.61
C CYS A 243 5.92 -16.38 13.56
N LEU A 244 4.73 -16.23 12.99
CA LEU A 244 4.09 -14.92 12.91
C LEU A 244 3.87 -14.38 14.31
N LYS A 245 3.53 -15.27 15.22
CA LYS A 245 3.31 -14.90 16.59
C LYS A 245 4.60 -14.54 17.33
N GLU A 246 5.73 -15.15 16.94
CA GLU A 246 7.05 -14.70 17.40
C GLU A 246 7.42 -13.36 16.76
N THR A 247 7.00 -13.14 15.51
CA THR A 247 7.22 -11.83 14.89
C THR A 247 6.47 -10.79 15.71
N TYR A 248 5.20 -11.09 16.02
CA TYR A 248 4.38 -10.22 16.82
C TYR A 248 5.06 -9.94 18.14
N LEU A 249 5.72 -10.95 18.70
CA LEU A 249 6.40 -10.77 19.97
C LEU A 249 7.46 -9.70 19.79
N ARG A 250 8.34 -9.87 18.80
CA ARG A 250 9.41 -8.91 18.55
C ARG A 250 8.86 -7.50 18.34
N ILE A 251 7.79 -7.35 17.56
CA ILE A 251 7.19 -6.03 17.37
C ILE A 251 6.80 -5.38 18.69
N LYS A 252 6.30 -6.14 19.65
CA LYS A 252 6.04 -5.60 20.98
C LYS A 252 7.33 -5.15 21.66
N LYS A 253 8.34 -6.03 21.68
CA LYS A 253 9.61 -5.76 22.38
C LYS A 253 10.55 -4.82 21.60
N ASN A 254 10.13 -4.41 20.41
CA ASN A 254 10.94 -3.60 19.48
C ASN A 254 12.27 -4.23 19.02
N GLU A 255 12.33 -5.56 19.02
CA GLU A 255 13.56 -6.29 18.67
C GLU A 255 13.82 -6.38 17.15
N TYR A 256 14.69 -5.49 16.67
CA TYR A 256 15.18 -5.48 15.29
C TYR A 256 16.47 -4.68 15.30
N SER A 257 17.40 -5.03 14.43
CA SER A 257 18.57 -4.21 14.20
C SER A 257 18.69 -3.80 12.73
N ILE A 258 19.23 -2.59 12.55
CA ILE A 258 19.59 -2.09 11.25
C ILE A 258 21.05 -2.42 11.06
N PRO A 259 21.41 -3.11 9.96
CA PRO A 259 22.82 -3.44 9.75
C PRO A 259 23.69 -2.20 9.59
N LYS A 260 24.98 -2.37 9.90
CA LYS A 260 25.93 -1.25 10.01
C LYS A 260 26.33 -0.64 8.68
N HIS A 261 26.01 -1.34 7.58
CA HIS A 261 26.29 -0.85 6.25
C HIS A 261 25.21 0.13 5.72
N ILE A 262 24.09 0.22 6.42
CA ILE A 262 23.04 1.20 6.11
C ILE A 262 23.49 2.59 6.58
N ASN A 263 23.20 3.61 5.77
CA ASN A 263 23.65 4.96 6.11
C ASN A 263 22.93 5.52 7.32
N PRO A 264 23.67 6.22 8.20
CA PRO A 264 23.10 6.66 9.49
C PRO A 264 21.99 7.71 9.35
N VAL A 265 21.98 8.44 8.24
CA VAL A 265 20.87 9.36 7.99
C VAL A 265 19.58 8.60 7.66
N ALA A 266 19.72 7.49 6.93
CA ALA A 266 18.61 6.57 6.73
C ALA A 266 18.23 5.93 8.08
N ALA A 267 19.19 5.24 8.70
CA ALA A 267 18.99 4.60 10.00
C ALA A 267 18.20 5.46 10.98
N SER A 268 18.55 6.75 11.07
CA SER A 268 17.83 7.71 11.91
C SER A 268 16.34 7.79 11.57
N LEU A 269 16.04 7.74 10.27
CA LEU A 269 14.67 7.83 9.84
C LEU A 269 13.91 6.57 10.26
N ILE A 270 14.36 5.42 9.77
CA ILE A 270 13.82 4.14 10.20
C ILE A 270 13.61 4.17 11.72
N GLN A 271 14.68 4.39 12.49
CA GLN A 271 14.55 4.46 13.94
C GLN A 271 13.43 5.38 14.40
N LYS A 272 13.35 6.59 13.84
CA LYS A 272 12.25 7.54 14.14
C LYS A 272 10.86 6.97 13.89
N MET A 273 10.69 6.35 12.72
CA MET A 273 9.41 5.79 12.33
C MET A 273 9.07 4.47 13.08
N LEU A 274 10.06 3.62 13.33
CA LEU A 274 9.81 2.45 14.15
C LEU A 274 10.03 2.77 15.63
N GLN A 275 9.03 3.39 16.23
CA GLN A 275 9.02 3.58 17.67
C GLN A 275 7.75 2.99 18.25
N THR A 276 7.90 2.28 19.36
CA THR A 276 6.79 1.64 20.05
C THR A 276 5.74 2.70 20.41
N ASP A 277 6.16 3.73 21.14
CA ASP A 277 5.32 4.88 21.48
C ASP A 277 4.92 5.65 20.21
N PRO A 278 3.65 5.55 19.79
CA PRO A 278 3.17 6.19 18.57
C PRO A 278 3.17 7.73 18.60
N THR A 279 3.12 8.32 19.78
CA THR A 279 3.19 9.80 19.90
C THR A 279 4.57 10.34 19.48
N ALA A 280 5.60 9.49 19.55
CA ALA A 280 6.98 9.84 19.21
C ALA A 280 7.24 9.82 17.71
N ARG A 281 6.64 8.86 17.01
CA ARG A 281 6.82 8.74 15.57
C ARG A 281 6.44 10.06 14.91
N PRO A 282 7.15 10.45 13.83
CA PRO A 282 6.81 11.63 13.04
C PRO A 282 5.50 11.47 12.28
N THR A 283 4.82 12.58 12.06
CA THR A 283 3.62 12.59 11.22
C THR A 283 4.03 12.47 9.77
N ILE A 284 3.06 12.14 8.94
CA ILE A 284 3.25 12.03 7.52
C ILE A 284 3.75 13.33 6.89
N ASN A 285 3.29 14.48 7.40
CA ASN A 285 3.61 15.77 6.80
C ASN A 285 5.05 16.20 7.07
N GLU A 286 5.65 15.68 8.15
CA GLU A 286 7.02 15.98 8.53
C GLU A 286 8.04 15.23 7.69
N LEU A 287 7.69 14.01 7.27
CA LEU A 287 8.65 13.05 6.70
C LEU A 287 9.52 13.54 5.54
N LEU A 288 8.94 14.32 4.64
CA LEU A 288 9.69 14.79 3.46
C LEU A 288 10.75 15.85 3.79
N ASN A 289 10.70 16.35 5.03
CA ASN A 289 11.67 17.31 5.50
C ASN A 289 12.65 16.68 6.48
N ASP A 290 13.01 15.44 6.17
CA ASP A 290 14.03 14.72 6.90
C ASP A 290 15.30 14.77 6.07
N GLU A 291 16.44 15.01 6.73
CA GLU A 291 17.73 14.99 6.07
C GLU A 291 17.77 13.98 4.91
N PHE A 292 17.12 12.83 5.12
CA PHE A 292 17.16 11.70 4.20
C PHE A 292 16.60 12.04 2.82
N PHE A 293 15.63 12.94 2.77
CA PHE A 293 15.14 13.42 1.51
C PHE A 293 15.88 14.69 1.09
N THR A 294 16.16 15.57 2.04
CA THR A 294 16.69 16.90 1.71
C THR A 294 18.17 16.94 1.38
N SER A 295 18.94 16.02 1.95
CA SER A 295 20.38 15.97 1.72
C SER A 295 20.78 14.71 0.98
N GLY A 296 19.93 14.26 0.08
CA GLY A 296 20.21 13.06 -0.70
C GLY A 296 19.56 13.13 -2.05
N TYR A 297 20.09 12.36 -2.98
CA TYR A 297 19.67 12.43 -4.37
C TYR A 297 18.35 11.66 -4.63
N ILE A 298 17.36 12.35 -5.18
CA ILE A 298 16.05 11.80 -5.55
C ILE A 298 15.85 11.97 -7.05
N PRO A 299 15.97 10.87 -7.81
CA PRO A 299 15.78 10.86 -9.26
C PRO A 299 14.47 11.50 -9.67
N ALA A 300 14.44 12.20 -10.79
CA ALA A 300 13.18 12.69 -11.35
C ALA A 300 12.33 11.51 -11.82
N ARG A 301 13.01 10.51 -12.39
CA ARG A 301 12.38 9.34 -12.98
C ARG A 301 13.33 8.14 -12.89
N LEU A 302 12.82 6.95 -13.20
CA LEU A 302 13.63 5.74 -13.30
C LEU A 302 13.34 5.03 -14.59
N PRO A 303 14.38 4.45 -15.21
CA PRO A 303 14.18 3.65 -16.42
C PRO A 303 13.70 2.25 -16.06
N ILE A 304 13.00 1.63 -17.00
CA ILE A 304 12.61 0.23 -16.90
C ILE A 304 13.77 -0.69 -16.53
N THR A 305 14.89 -0.57 -17.21
CA THR A 305 16.10 -1.32 -16.84
C THR A 305 16.10 -1.63 -15.33
N CYS A 306 15.72 -0.62 -14.54
CA CYS A 306 15.85 -0.66 -13.10
C CYS A 306 14.93 -1.69 -12.43
N LEU A 307 14.05 -2.31 -13.21
CA LEU A 307 13.24 -3.42 -12.71
C LEU A 307 14.11 -4.64 -12.43
N THR A 308 15.22 -4.75 -13.17
CA THR A 308 16.03 -5.97 -13.17
C THR A 308 17.50 -5.72 -12.80
N ILE A 309 18.02 -4.56 -13.20
CA ILE A 309 19.44 -4.17 -13.07
C ILE A 309 19.63 -2.91 -12.17
N PRO A 310 20.44 -3.01 -11.11
CA PRO A 310 20.66 -1.87 -10.21
C PRO A 310 21.19 -0.64 -10.93
N PRO A 311 20.43 0.47 -10.89
CA PRO A 311 20.92 1.66 -11.55
C PRO A 311 22.14 2.21 -10.83
N ARG A 312 23.24 2.26 -11.58
CA ARG A 312 24.34 3.15 -11.29
C ARG A 312 23.71 4.41 -11.84
N PHE A 313 24.09 5.56 -11.33
CA PHE A 313 23.42 6.78 -11.77
C PHE A 313 24.44 7.73 -12.39
N SER A 314 25.05 7.27 -13.46
CA SER A 314 26.23 7.95 -13.96
C SER A 314 25.90 9.31 -14.59
N ILE A 315 26.87 10.19 -14.52
CA ILE A 315 26.73 11.57 -14.96
C ILE A 315 26.74 11.73 -16.49
N ALA A 316 27.19 10.70 -17.20
CA ALA A 316 27.00 10.57 -18.67
C ALA A 316 27.50 9.22 -19.18
#